data_6IZW
#
_entry.id   6IZW
#
_cell.length_a   88.482
_cell.length_b   88.482
_cell.length_c   131.320
_cell.angle_alpha   90.00
_cell.angle_beta   90.00
_cell.angle_gamma   120.00
#
_symmetry.space_group_name_H-M   'P 31 2 1'
#
loop_
_entity.id
_entity.type
_entity.pdbx_description
1 polymer 'Mutual gliding-motility protein MglA'
2 polymer 'Gliding motility protein MglB'
3 non-polymer "5'-GUANOSINE-DIPHOSPHATE-MONOTHIOPHOSPHATE"
4 non-polymer 'MAGNESIUM ION'
5 non-polymer 'SULFATE ION'
6 water water
#
loop_
_entity_poly.entity_id
_entity_poly.type
_entity_poly.pdbx_seq_one_letter_code
_entity_poly.pdbx_strand_id
1 'polypeptide(L)'
;MSFINYSSREINCKIVYYGPGLCGKTTNLQYIYNKTAAETKGKLISLSTETDRTLFFDFLPLSLGEIRGFKTRFHLYTVP
GQVFYDASRKLILKGVDGVVFVADSQIERMEANMESLENLRINLAEQGYDLNKIPYVIQYNKRDLPNAVTVEEMRKALNH
RNIPEYQAVAPTGVGVFDTLKAVAKLVLTELKKGGGSHHHHHH
;
A
2 'polypeptide(L)'
;(MSE)GTQLV(MSE)YEEEFTKINAVCDRLTKDANAKVVFLVDKNGQLISSAGQTQNIDTTSLASLTAGNVAA(MSE)GG
LAKLIGENEFPNQFHEGAKDSLY(MSE)TIVGSRVVLVVIFDNRTSLGLVRLRIKKASDELTKIFESLVKKTDSPGAGSP
FAE(MSE)SDDDIDNLFSEGSHHHHHH
;
B,C
#
loop_
_chem_comp.id
_chem_comp.type
_chem_comp.name
_chem_comp.formula
GSP non-polymer 5'-GUANOSINE-DIPHOSPHATE-MONOTHIOPHOSPHATE 'C10 H16 N5 O13 P3 S'
MG non-polymer 'MAGNESIUM ION' 'Mg 2'
SO4 non-polymer 'SULFATE ION' 'O4 S -2'
#
# COMPACT_ATOMS: atom_id res chain seq x y z
N SER A 2 6.99 -8.57 12.19
CA SER A 2 7.66 -9.62 11.43
C SER A 2 6.83 -10.89 11.43
N PHE A 3 7.17 -11.81 10.51
CA PHE A 3 6.43 -13.04 10.33
C PHE A 3 7.42 -14.16 10.02
N ILE A 4 7.46 -15.19 10.87
CA ILE A 4 8.35 -16.32 10.65
C ILE A 4 7.53 -17.53 10.20
N ASN A 5 7.85 -18.03 9.01
CA ASN A 5 7.32 -19.29 8.50
C ASN A 5 8.31 -20.40 8.87
N TYR A 6 8.08 -21.06 10.01
CA TYR A 6 8.93 -22.20 10.37
C TYR A 6 8.88 -23.29 9.32
N SER A 7 7.69 -23.55 8.76
CA SER A 7 7.56 -24.60 7.76
C SER A 7 8.46 -24.34 6.55
N SER A 8 8.43 -23.13 6.01
CA SER A 8 9.27 -22.79 4.86
C SER A 8 10.62 -22.20 5.25
N ARG A 9 10.85 -22.00 6.55
CA ARG A 9 12.11 -21.43 7.05
C ARG A 9 12.37 -20.07 6.40
N GLU A 10 11.47 -19.13 6.68
CA GLU A 10 11.58 -17.78 6.14
C GLU A 10 11.30 -16.77 7.22
N ILE A 11 12.24 -15.83 7.39
CA ILE A 11 12.04 -14.67 8.26
C ILE A 11 11.70 -13.48 7.37
N ASN A 12 10.57 -12.83 7.66
CA ASN A 12 10.01 -11.71 6.88
C ASN A 12 9.98 -10.47 7.74
N CYS A 13 10.57 -9.39 7.25
CA CYS A 13 10.64 -8.13 7.98
C CYS A 13 10.26 -6.98 7.07
N LYS A 14 9.60 -5.99 7.64
CA LYS A 14 9.08 -4.86 6.89
C LYS A 14 9.85 -3.60 7.29
N ILE A 15 10.46 -2.95 6.31
CA ILE A 15 11.23 -1.72 6.54
C ILE A 15 10.61 -0.58 5.71
N VAL A 16 10.34 0.54 6.37
CA VAL A 16 9.67 1.66 5.74
C VAL A 16 10.63 2.84 5.72
N TYR A 17 10.84 3.39 4.53
CA TYR A 17 11.57 4.65 4.35
C TYR A 17 10.59 5.81 4.45
N TYR A 18 10.91 6.75 5.35
CA TYR A 18 10.11 7.91 5.70
C TYR A 18 10.92 9.19 5.50
N GLY A 19 10.24 10.30 5.28
CA GLY A 19 10.87 11.59 5.18
C GLY A 19 10.09 12.52 4.28
N PRO A 20 10.53 13.77 4.17
CA PRO A 20 9.73 14.77 3.45
C PRO A 20 9.77 14.52 1.94
N GLY A 21 8.98 15.34 1.23
CA GLY A 21 8.90 15.20 -0.22
C GLY A 21 10.25 15.50 -0.87
N LEU A 22 10.59 14.67 -1.88
CA LEU A 22 11.80 14.81 -2.69
C LEU A 22 13.08 14.58 -1.90
N CYS A 23 13.02 13.90 -0.76
CA CYS A 23 14.26 13.82 0.01
C CYS A 23 15.19 12.71 -0.44
N GLY A 24 14.71 11.75 -1.27
CA GLY A 24 15.55 10.67 -1.77
C GLY A 24 15.16 9.24 -1.41
N LYS A 25 13.98 9.04 -0.79
CA LYS A 25 13.56 7.70 -0.38
C LYS A 25 13.53 6.74 -1.57
N THR A 26 12.89 7.16 -2.66
CA THR A 26 12.70 6.26 -3.79
C THR A 26 14.01 5.98 -4.50
N THR A 27 14.90 6.98 -4.53
CA THR A 27 16.24 6.81 -5.07
C THR A 27 17.01 5.75 -4.31
N ASN A 28 16.85 5.68 -2.97
CA ASN A 28 17.48 4.61 -2.19
C ASN A 28 17.07 3.26 -2.76
N LEU A 29 15.76 3.04 -2.90
CA LEU A 29 15.26 1.74 -3.38
C LEU A 29 15.69 1.46 -4.80
N GLN A 30 15.71 2.48 -5.67
CA GLN A 30 16.11 2.26 -7.05
C GLN A 30 17.55 1.81 -7.14
N TYR A 31 18.43 2.46 -6.36
CA TYR A 31 19.81 2.04 -6.28
C TYR A 31 19.93 0.60 -5.83
N ILE A 32 19.28 0.24 -4.71
CA ILE A 32 19.35 -1.12 -4.19
C ILE A 32 18.90 -2.12 -5.24
N TYR A 33 17.79 -1.82 -5.91
CA TYR A 33 17.29 -2.68 -6.97
C TYR A 33 18.30 -2.79 -8.11
N ASN A 34 18.90 -1.68 -8.51
CA ASN A 34 19.83 -1.70 -9.63
C ASN A 34 21.04 -2.57 -9.34
N LYS A 35 21.51 -2.57 -8.09
CA LYS A 35 22.76 -3.24 -7.75
C LYS A 35 22.59 -4.64 -7.20
N THR A 36 21.38 -5.18 -7.11
CA THR A 36 21.23 -6.49 -6.50
C THR A 36 20.92 -7.52 -7.59
N ALA A 37 21.63 -8.65 -7.52
CA ALA A 37 21.48 -9.74 -8.48
C ALA A 37 20.02 -10.16 -8.53
N ALA A 38 19.61 -10.70 -9.69
CA ALA A 38 18.23 -11.12 -9.85
C ALA A 38 17.79 -12.04 -8.71
N GLU A 39 18.71 -12.91 -8.26
CA GLU A 39 18.43 -13.98 -7.30
C GLU A 39 18.19 -13.48 -5.87
N THR A 40 18.30 -12.18 -5.59
CA THR A 40 18.04 -11.68 -4.24
C THR A 40 16.91 -10.65 -4.17
N LYS A 41 16.28 -10.32 -5.30
CA LYS A 41 15.28 -9.27 -5.36
C LYS A 41 14.05 -9.73 -6.15
N GLY A 42 12.90 -9.20 -5.78
CA GLY A 42 11.72 -9.23 -6.62
C GLY A 42 11.70 -8.03 -7.55
N LYS A 43 10.50 -7.66 -7.99
CA LYS A 43 10.30 -6.52 -8.86
C LYS A 43 10.07 -5.28 -8.02
N LEU A 44 10.60 -4.15 -8.48
CA LEU A 44 10.34 -2.88 -7.82
C LEU A 44 9.00 -2.31 -8.32
N ILE A 45 8.04 -2.21 -7.40
CA ILE A 45 6.74 -1.59 -7.65
C ILE A 45 6.86 -0.11 -7.27
N SER A 46 6.46 0.79 -8.16
CA SER A 46 6.51 2.23 -7.90
C SER A 46 5.18 2.86 -8.26
N LEU A 47 4.35 3.18 -7.26
CA LEU A 47 3.08 3.87 -7.51
C LEU A 47 3.32 5.38 -7.46
N SER A 48 3.56 5.99 -8.61
CA SER A 48 3.99 7.38 -8.65
C SER A 48 3.11 8.21 -9.59
N THR A 49 3.25 9.53 -9.44
CA THR A 49 2.63 10.46 -10.38
C THR A 49 3.45 10.54 -11.67
N GLU A 50 3.03 11.43 -12.57
CA GLU A 50 3.72 11.59 -13.84
C GLU A 50 5.04 12.34 -13.71
N THR A 51 5.25 13.08 -12.62
CA THR A 51 6.53 13.71 -12.35
C THR A 51 7.40 12.89 -11.39
N ASP A 52 7.05 11.61 -11.19
CA ASP A 52 7.81 10.61 -10.44
C ASP A 52 7.72 10.75 -8.93
N ARG A 53 6.89 11.65 -8.42
CA ARG A 53 6.64 11.67 -7.00
C ARG A 53 5.86 10.44 -6.60
N THR A 54 6.26 9.81 -5.50
CA THR A 54 5.55 8.66 -5.02
C THR A 54 4.16 9.09 -4.54
N LEU A 55 3.16 8.35 -4.97
CA LEU A 55 1.76 8.64 -4.73
C LEU A 55 1.15 7.76 -3.66
N PHE A 56 1.60 6.51 -3.55
CA PHE A 56 1.11 5.64 -2.50
C PHE A 56 2.28 4.96 -1.81
N PHE A 57 3.02 4.11 -2.51
CA PHE A 57 4.26 3.56 -1.98
C PHE A 57 5.11 3.08 -3.14
N ASP A 58 6.40 2.90 -2.87
CA ASP A 58 7.27 1.98 -3.59
C ASP A 58 7.40 0.70 -2.75
N PHE A 59 7.57 -0.42 -3.41
CA PHE A 59 7.76 -1.69 -2.72
C PHE A 59 8.85 -2.51 -3.39
N LEU A 60 9.82 -2.98 -2.61
CA LEU A 60 10.88 -3.83 -3.14
C LEU A 60 11.17 -5.00 -2.19
N PRO A 61 10.82 -6.23 -2.57
CA PRO A 61 11.16 -7.39 -1.74
C PRO A 61 12.59 -7.82 -2.01
N LEU A 62 13.35 -8.04 -0.93
CA LEU A 62 14.78 -8.28 -1.00
C LEU A 62 15.14 -9.46 -0.08
N SER A 63 15.99 -10.36 -0.57
CA SER A 63 16.48 -11.47 0.23
C SER A 63 17.95 -11.22 0.58
N LEU A 64 18.28 -11.30 1.86
CA LEU A 64 19.58 -10.85 2.33
C LEU A 64 20.50 -12.00 2.72
N GLY A 65 20.18 -13.21 2.32
CA GLY A 65 20.91 -14.34 2.79
C GLY A 65 20.13 -15.09 3.84
N GLU A 66 20.88 -15.82 4.67
CA GLU A 66 20.34 -16.91 5.47
C GLU A 66 21.01 -16.92 6.84
N ILE A 67 20.18 -17.08 7.88
CA ILE A 67 20.64 -17.08 9.25
C ILE A 67 20.13 -18.36 9.88
N ARG A 68 21.05 -19.25 10.26
CA ARG A 68 20.70 -20.55 10.85
C ARG A 68 19.74 -21.34 9.95
N GLY A 69 19.97 -21.28 8.64
CA GLY A 69 19.11 -21.97 7.70
C GLY A 69 17.69 -21.43 7.53
N PHE A 70 17.43 -20.17 7.91
CA PHE A 70 16.20 -19.46 7.56
C PHE A 70 16.54 -18.39 6.53
N LYS A 71 15.82 -18.35 5.43
CA LYS A 71 16.03 -17.25 4.50
C LYS A 71 15.41 -15.98 5.07
N THR A 72 16.09 -14.86 4.86
CA THR A 72 15.63 -13.57 5.33
C THR A 72 15.03 -12.81 4.16
N ARG A 73 13.76 -12.44 4.28
CA ARG A 73 13.09 -11.64 3.25
C ARG A 73 12.76 -10.28 3.86
N PHE A 74 13.34 -9.23 3.31
CA PHE A 74 13.05 -7.88 3.75
C PHE A 74 12.14 -7.21 2.74
N HIS A 75 11.03 -6.69 3.23
CA HIS A 75 10.02 -6.05 2.41
C HIS A 75 10.24 -4.56 2.59
N LEU A 76 10.80 -3.92 1.57
CA LEU A 76 11.18 -2.50 1.65
C LEU A 76 10.07 -1.63 1.09
N TYR A 77 9.68 -0.60 1.85
CA TYR A 77 8.69 0.37 1.39
C TYR A 77 9.24 1.78 1.52
N THR A 78 8.78 2.66 0.62
CA THR A 78 8.86 4.09 0.85
C THR A 78 7.45 4.66 0.89
N VAL A 79 7.29 5.74 1.64
CA VAL A 79 5.99 6.41 1.76
C VAL A 79 5.97 7.57 0.77
N PRO A 80 4.80 8.12 0.44
CA PRO A 80 4.75 9.44 -0.22
C PRO A 80 5.02 10.53 0.80
N GLY A 81 5.92 11.45 0.45
CA GLY A 81 6.46 12.35 1.42
C GLY A 81 5.79 13.71 1.49
N GLN A 82 5.07 14.10 0.44
CA GLN A 82 4.41 15.39 0.48
C GLN A 82 3.35 15.39 1.57
N VAL A 83 3.21 16.53 2.26
CA VAL A 83 2.38 16.62 3.46
C VAL A 83 0.98 16.04 3.22
N PHE A 84 0.33 16.44 2.12
CA PHE A 84 -1.08 16.12 1.90
C PHE A 84 -1.35 14.66 1.59
N TYR A 85 -0.32 13.80 1.49
CA TYR A 85 -0.55 12.37 1.35
C TYR A 85 -0.60 11.65 2.69
N ASP A 86 -0.66 12.40 3.79
CA ASP A 86 -0.62 11.84 5.13
C ASP A 86 -1.51 10.61 5.32
N ALA A 87 -2.73 10.67 4.81
CA ALA A 87 -3.65 9.54 4.99
C ALA A 87 -3.12 8.27 4.35
N SER A 88 -2.57 8.37 3.13
CA SER A 88 -1.93 7.22 2.51
C SER A 88 -0.63 6.84 3.24
N ARG A 89 0.10 7.84 3.70
CA ARG A 89 1.37 7.59 4.37
C ARG A 89 1.17 6.77 5.66
N LYS A 90 0.08 7.05 6.41
CA LYS A 90 -0.16 6.27 7.62
C LYS A 90 -0.35 4.79 7.33
N LEU A 91 -0.96 4.47 6.19
CA LEU A 91 -1.26 3.07 5.90
C LEU A 91 0.00 2.23 5.82
N ILE A 92 1.12 2.81 5.36
CA ILE A 92 2.31 2.04 5.07
C ILE A 92 2.99 1.59 6.35
N LEU A 93 2.80 2.31 7.45
CA LEU A 93 3.44 1.98 8.71
C LEU A 93 2.85 0.75 9.38
N LYS A 94 1.78 0.16 8.87
CA LYS A 94 1.16 -0.95 9.58
C LYS A 94 2.11 -2.14 9.60
N GLY A 95 2.37 -2.66 10.80
CA GLY A 95 3.25 -3.79 10.96
C GLY A 95 4.72 -3.52 10.67
N VAL A 96 5.18 -2.28 10.77
CA VAL A 96 6.56 -1.97 10.44
C VAL A 96 7.51 -2.56 11.47
N ASP A 97 8.58 -3.20 10.99
CA ASP A 97 9.62 -3.70 11.89
C ASP A 97 10.77 -2.73 12.05
N GLY A 98 11.07 -1.92 11.05
CA GLY A 98 12.15 -0.96 11.17
C GLY A 98 11.91 0.24 10.27
N VAL A 99 12.46 1.37 10.68
CA VAL A 99 12.23 2.62 9.97
C VAL A 99 13.56 3.25 9.62
N VAL A 100 13.67 3.72 8.38
CA VAL A 100 14.76 4.60 7.95
C VAL A 100 14.15 5.96 7.71
N PHE A 101 14.60 6.95 8.46
CA PHE A 101 14.18 8.31 8.23
C PHE A 101 15.20 8.97 7.32
N VAL A 102 14.76 9.38 6.14
CA VAL A 102 15.59 10.03 5.13
C VAL A 102 15.38 11.53 5.22
N ALA A 103 16.43 12.26 5.60
CA ALA A 103 16.41 13.71 5.72
C ALA A 103 17.17 14.35 4.56
N ASP A 104 16.64 15.47 4.08
CA ASP A 104 17.23 16.25 2.99
C ASP A 104 18.16 17.28 3.61
N SER A 105 19.44 17.27 3.24
CA SER A 105 20.41 18.13 3.89
C SER A 105 20.37 19.60 3.46
N GLN A 106 19.51 19.97 2.50
CA GLN A 106 19.45 21.37 2.07
C GLN A 106 18.87 22.23 3.17
N ILE A 107 19.51 23.36 3.46
CA ILE A 107 19.02 24.30 4.48
C ILE A 107 17.55 24.65 4.23
N GLU A 108 17.15 24.77 2.96
CA GLU A 108 15.77 25.15 2.67
C GLU A 108 14.76 24.07 3.03
N ARG A 109 15.18 22.85 3.33
CA ARG A 109 14.25 21.77 3.66
C ARG A 109 14.35 21.32 5.11
N MET A 110 15.11 22.02 5.95
CA MET A 110 15.26 21.62 7.35
C MET A 110 13.91 21.58 8.08
N GLU A 111 13.04 22.55 7.86
CA GLU A 111 11.76 22.56 8.55
C GLU A 111 10.84 21.47 8.00
N ALA A 112 10.94 21.19 6.70
CA ALA A 112 10.21 20.04 6.18
C ALA A 112 10.71 18.74 6.82
N ASN A 113 12.02 18.62 7.07
CA ASN A 113 12.56 17.45 7.77
C ASN A 113 11.95 17.31 9.16
N MET A 114 12.01 18.38 9.96
CA MET A 114 11.50 18.34 11.32
C MET A 114 9.99 18.08 11.33
N GLU A 115 9.25 18.69 10.41
CA GLU A 115 7.82 18.40 10.31
C GLU A 115 7.59 16.94 9.97
N SER A 116 8.38 16.40 9.04
CA SER A 116 8.22 15.00 8.67
C SER A 116 8.59 14.09 9.84
N LEU A 117 9.59 14.46 10.62
CA LEU A 117 9.99 13.60 11.72
C LEU A 117 8.95 13.57 12.84
N GLU A 118 8.36 14.73 13.15
CA GLU A 118 7.26 14.72 14.11
C GLU A 118 6.05 13.99 13.55
N ASN A 119 5.85 14.06 12.24
CA ASN A 119 4.76 13.29 11.62
C ASN A 119 4.99 11.78 11.75
N LEU A 120 6.25 11.34 11.71
CA LEU A 120 6.51 9.91 11.88
C LEU A 120 6.26 9.47 13.32
N ARG A 121 6.73 10.27 14.28
CA ARG A 121 6.43 10.05 15.69
C ARG A 121 4.92 9.98 15.95
N ILE A 122 4.18 10.99 15.49
CA ILE A 122 2.73 11.02 15.64
C ILE A 122 2.10 9.76 15.05
N ASN A 123 2.39 9.48 13.77
CA ASN A 123 1.73 8.39 13.08
C ASN A 123 1.99 7.06 13.77
N LEU A 124 3.20 6.87 14.28
CA LEU A 124 3.50 5.63 14.98
C LEU A 124 2.72 5.55 16.28
N ALA A 125 2.71 6.64 17.05
CA ALA A 125 1.96 6.66 18.30
C ALA A 125 0.49 6.34 18.07
N GLU A 126 -0.09 6.88 16.98
CA GLU A 126 -1.52 6.71 16.76
C GLU A 126 -1.90 5.28 16.42
N GLN A 127 -0.95 4.44 16.02
CA GLN A 127 -1.26 3.04 15.81
C GLN A 127 -0.57 2.14 16.84
N GLY A 128 -0.09 2.73 17.92
CA GLY A 128 0.36 1.96 19.06
C GLY A 128 1.83 1.66 19.11
N TYR A 129 2.65 2.30 18.28
CA TYR A 129 4.08 2.13 18.30
C TYR A 129 4.72 3.36 18.94
N ASP A 130 6.02 3.25 19.19
CA ASP A 130 6.80 4.34 19.77
C ASP A 130 8.13 4.38 19.03
N LEU A 131 8.43 5.50 18.37
CA LEU A 131 9.66 5.58 17.60
C LEU A 131 10.87 5.34 18.50
N ASN A 132 10.82 5.79 19.76
CA ASN A 132 11.93 5.54 20.68
C ASN A 132 12.17 4.07 20.96
N LYS A 133 11.25 3.18 20.58
CA LYS A 133 11.38 1.77 20.90
C LYS A 133 11.38 0.86 19.68
N ILE A 134 11.51 1.39 18.47
CA ILE A 134 11.61 0.47 17.34
C ILE A 134 12.97 0.66 16.67
N PRO A 135 13.52 -0.39 16.04
CA PRO A 135 14.73 -0.22 15.20
C PRO A 135 14.59 0.95 14.24
N TYR A 136 15.53 1.87 14.32
CA TYR A 136 15.38 3.17 13.70
C TYR A 136 16.77 3.68 13.33
N VAL A 137 16.97 4.09 12.07
CA VAL A 137 18.19 4.78 11.69
C VAL A 137 17.82 6.02 10.89
N ILE A 138 18.70 7.03 10.91
CA ILE A 138 18.49 8.22 10.12
C ILE A 138 19.58 8.36 9.06
N GLN A 139 19.16 8.77 7.86
CA GLN A 139 20.03 9.03 6.71
C GLN A 139 20.04 10.53 6.41
N TYR A 140 21.21 11.16 6.46
CA TYR A 140 21.36 12.55 5.95
C TYR A 140 21.72 12.43 4.48
N ASN A 141 20.72 12.55 3.62
CA ASN A 141 20.89 12.40 2.19
C ASN A 141 21.19 13.77 1.55
N LYS A 142 21.70 13.73 0.31
CA LYS A 142 22.04 14.92 -0.50
C LYS A 142 23.25 15.65 0.04
N ARG A 143 24.24 14.90 0.55
CA ARG A 143 25.48 15.51 1.04
C ARG A 143 26.31 16.13 -0.08
N ASP A 144 26.00 15.82 -1.33
CA ASP A 144 26.77 16.39 -2.43
C ASP A 144 26.43 17.85 -2.68
N LEU A 145 25.24 18.28 -2.30
CA LEU A 145 24.73 19.57 -2.77
C LEU A 145 25.47 20.72 -2.09
N PRO A 146 25.72 21.83 -2.79
CA PRO A 146 26.41 22.96 -2.16
C PRO A 146 25.66 23.57 -0.98
N ASN A 147 24.34 23.61 -1.01
CA ASN A 147 23.54 24.16 0.07
C ASN A 147 23.24 23.17 1.20
N ALA A 148 24.06 22.11 1.35
CA ALA A 148 23.84 21.13 2.42
C ALA A 148 24.39 21.61 3.76
N VAL A 149 23.59 21.48 4.81
CA VAL A 149 24.04 21.94 6.13
C VAL A 149 24.95 20.88 6.75
N THR A 150 25.70 21.28 7.77
CA THR A 150 26.70 20.36 8.30
C THR A 150 26.04 19.16 8.98
N VAL A 151 26.80 18.07 9.11
CA VAL A 151 26.30 16.91 9.84
C VAL A 151 25.93 17.30 11.27
N GLU A 152 26.72 18.17 11.87
CA GLU A 152 26.50 18.50 13.27
C GLU A 152 25.24 19.33 13.48
N GLU A 153 24.90 20.20 12.54
CA GLU A 153 23.64 20.93 12.63
C GLU A 153 22.42 20.04 12.32
N MET A 154 22.58 19.00 11.50
CA MET A 154 21.45 18.07 11.32
C MET A 154 21.25 17.18 12.54
N ARG A 155 22.35 16.74 13.17
CA ARG A 155 22.25 16.01 14.42
C ARG A 155 21.48 16.81 15.48
N LYS A 156 21.82 18.09 15.65
CA LYS A 156 21.13 18.90 16.66
C LYS A 156 19.63 19.03 16.36
N ALA A 157 19.27 19.17 15.08
CA ALA A 157 17.89 19.37 14.69
C ALA A 157 17.06 18.10 14.68
N LEU A 158 17.69 16.92 14.60
CA LEU A 158 16.95 15.71 14.21
C LEU A 158 17.28 14.50 15.04
N ASN A 159 18.39 14.50 15.76
CA ASN A 159 18.91 13.26 16.33
C ASN A 159 19.34 13.55 17.78
N HIS A 160 18.46 13.24 18.71
CA HIS A 160 18.66 13.54 20.11
C HIS A 160 19.11 12.34 20.92
N ARG A 161 18.77 11.14 20.46
CA ARG A 161 19.10 9.92 21.17
C ARG A 161 20.36 9.26 20.64
N ASN A 162 21.17 10.00 19.87
CA ASN A 162 22.28 9.46 19.09
C ASN A 162 21.91 8.12 18.45
N ILE A 163 20.81 8.16 17.73
CA ILE A 163 20.38 7.10 16.81
C ILE A 163 21.44 6.95 15.71
N PRO A 164 21.70 5.75 15.19
CA PRO A 164 22.69 5.63 14.11
C PRO A 164 22.33 6.54 12.94
N GLU A 165 23.34 7.26 12.44
CA GLU A 165 23.15 8.28 11.42
C GLU A 165 24.13 8.01 10.29
N TYR A 166 23.62 8.05 9.05
CA TYR A 166 24.40 7.73 7.87
C TYR A 166 24.30 8.86 6.86
N GLN A 167 25.45 9.27 6.34
CA GLN A 167 25.51 10.24 5.27
C GLN A 167 25.34 9.51 3.95
N ALA A 168 24.55 10.09 3.05
CA ALA A 168 24.30 9.41 1.82
C ALA A 168 24.30 10.41 0.67
N VAL A 169 24.54 9.87 -0.52
CA VAL A 169 24.18 10.53 -1.77
C VAL A 169 23.49 9.44 -2.57
N ALA A 170 22.17 9.33 -2.40
CA ALA A 170 21.44 8.17 -2.90
C ALA A 170 21.68 7.89 -4.38
N PRO A 171 21.67 8.86 -5.31
CA PRO A 171 21.85 8.53 -6.75
C PRO A 171 23.20 7.90 -7.09
N THR A 172 24.25 8.11 -6.32
CA THR A 172 25.48 7.40 -6.62
C THR A 172 25.62 6.15 -5.77
N GLY A 173 24.68 5.91 -4.84
CA GLY A 173 24.73 4.78 -3.94
C GLY A 173 25.45 5.03 -2.63
N VAL A 174 26.09 6.18 -2.45
CA VAL A 174 26.90 6.37 -1.26
C VAL A 174 25.99 6.35 -0.03
N GLY A 175 26.34 5.54 0.96
CA GLY A 175 25.56 5.43 2.19
C GLY A 175 24.32 4.56 2.08
N VAL A 176 23.95 4.10 0.89
CA VAL A 176 22.65 3.43 0.73
C VAL A 176 22.66 2.03 1.32
N PHE A 177 23.63 1.19 0.93
CA PHE A 177 23.66 -0.14 1.53
C PHE A 177 24.13 -0.09 3.00
N ASP A 178 24.94 0.91 3.38
CA ASP A 178 25.24 1.12 4.80
C ASP A 178 23.96 1.29 5.62
N THR A 179 23.07 2.17 5.16
CA THR A 179 21.84 2.45 5.88
C THR A 179 20.97 1.20 5.97
N LEU A 180 20.85 0.49 4.86
CA LEU A 180 20.01 -0.71 4.85
C LEU A 180 20.59 -1.78 5.76
N LYS A 181 21.92 -1.96 5.71
CA LYS A 181 22.54 -2.94 6.59
C LYS A 181 22.32 -2.57 8.04
N ALA A 182 22.36 -1.27 8.36
CA ALA A 182 22.25 -0.91 9.77
C ALA A 182 20.85 -1.19 10.31
N VAL A 183 19.78 -0.82 9.58
CA VAL A 183 18.45 -1.05 10.13
C VAL A 183 18.09 -2.54 10.06
N ALA A 184 18.51 -3.23 9.01
CA ALA A 184 18.30 -4.66 8.92
C ALA A 184 18.90 -5.40 10.10
N LYS A 185 20.09 -5.01 10.53
CA LYS A 185 20.69 -5.73 11.65
C LYS A 185 20.03 -5.34 12.98
N LEU A 186 19.61 -4.07 13.12
CA LEU A 186 18.85 -3.71 14.32
C LEU A 186 17.55 -4.50 14.40
N VAL A 187 16.88 -4.72 13.26
CA VAL A 187 15.64 -5.50 13.28
C VAL A 187 15.94 -6.94 13.69
N LEU A 188 16.96 -7.55 13.08
CA LEU A 188 17.31 -8.92 13.41
C LEU A 188 17.82 -9.05 14.84
N THR A 189 18.46 -8.00 15.36
CA THR A 189 18.89 -8.05 16.75
C THR A 189 17.71 -8.01 17.70
N GLU A 190 16.66 -7.26 17.32
CA GLU A 190 15.44 -7.19 18.09
C GLU A 190 14.74 -8.54 18.16
N LEU A 191 14.63 -9.22 17.03
CA LEU A 191 14.01 -10.55 17.07
C LEU A 191 14.79 -11.50 17.97
N LYS A 192 16.13 -11.47 17.88
CA LYS A 192 17.00 -12.32 18.70
C LYS A 192 16.64 -12.26 20.18
N LYS A 193 16.22 -11.09 20.67
CA LYS A 193 15.79 -10.89 22.06
C LYS A 193 14.46 -11.58 22.39
N GLY B 2 6.33 -4.04 14.70
CA GLY B 2 5.83 -5.32 14.24
C GLY B 2 5.43 -6.21 15.40
N THR B 3 4.26 -6.82 15.29
CA THR B 3 3.88 -7.90 16.20
C THR B 3 4.65 -9.16 15.76
N GLN B 4 5.47 -9.70 16.66
CA GLN B 4 6.27 -10.88 16.33
C GLN B 4 5.33 -12.07 16.14
N LEU B 5 5.12 -12.46 14.89
CA LEU B 5 4.18 -13.51 14.55
C LEU B 5 4.93 -14.69 13.93
N VAL B 6 4.54 -15.90 14.35
CA VAL B 6 5.19 -17.14 13.95
C VAL B 6 4.13 -18.13 13.46
N MSE B 7 4.47 -18.90 12.44
CA MSE B 7 3.55 -19.91 11.91
C MSE B 7 4.22 -21.28 11.76
O MSE B 7 5.07 -21.48 10.88
CB MSE B 7 2.97 -19.46 10.57
CG MSE B 7 2.17 -20.55 9.84
SE MSE B 7 1.04 -19.88 8.38
CE MSE B 7 0.05 -18.58 9.45
N TYR B 8 3.83 -22.23 12.60
CA TYR B 8 4.39 -23.57 12.54
C TYR B 8 3.66 -24.41 11.50
N GLU B 9 4.35 -25.44 11.00
CA GLU B 9 3.80 -26.28 9.93
C GLU B 9 2.49 -26.95 10.31
N GLU B 10 2.08 -26.88 11.58
CA GLU B 10 0.76 -27.35 11.98
C GLU B 10 -0.33 -26.59 11.20
N GLU B 11 -0.38 -25.27 11.37
CA GLU B 11 -1.42 -24.49 10.72
C GLU B 11 -1.07 -24.07 9.29
N PHE B 12 0.20 -24.10 8.90
CA PHE B 12 0.53 -23.75 7.52
C PHE B 12 -0.03 -24.77 6.56
N THR B 13 0.08 -26.05 6.91
CA THR B 13 -0.30 -27.12 6.01
C THR B 13 -1.80 -27.12 5.74
N LYS B 14 -2.61 -26.83 6.77
CA LYS B 14 -4.05 -26.74 6.57
C LYS B 14 -4.43 -25.55 5.70
N ILE B 15 -3.80 -24.40 5.95
CA ILE B 15 -4.12 -23.19 5.19
C ILE B 15 -3.87 -23.41 3.71
N ASN B 16 -2.74 -24.03 3.37
CA ASN B 16 -2.46 -24.34 1.97
C ASN B 16 -3.52 -25.27 1.37
N ALA B 17 -4.05 -26.18 2.19
CA ALA B 17 -5.07 -27.11 1.68
C ALA B 17 -6.35 -26.36 1.31
N VAL B 18 -6.78 -25.43 2.16
CA VAL B 18 -7.96 -24.63 1.83
C VAL B 18 -7.78 -23.93 0.49
N CYS B 19 -6.58 -23.44 0.22
CA CYS B 19 -6.34 -22.64 -0.99
C CYS B 19 -6.43 -23.49 -2.25
N ASP B 20 -5.75 -24.63 -2.28
CA ASP B 20 -5.79 -25.45 -3.49
C ASP B 20 -7.14 -26.11 -3.70
N ARG B 21 -7.96 -26.20 -2.64
CA ARG B 21 -9.36 -26.55 -2.84
C ARG B 21 -10.03 -25.55 -3.77
N LEU B 22 -9.89 -24.26 -3.47
CA LEU B 22 -10.66 -23.24 -4.17
C LEU B 22 -10.21 -23.11 -5.63
N THR B 23 -8.90 -23.23 -5.89
CA THR B 23 -8.44 -23.09 -7.26
C THR B 23 -8.92 -24.25 -8.12
N LYS B 24 -8.98 -25.46 -7.55
CA LYS B 24 -9.46 -26.61 -8.30
C LYS B 24 -10.97 -26.51 -8.53
N ASP B 25 -11.73 -26.19 -7.48
CA ASP B 25 -13.18 -26.20 -7.57
C ASP B 25 -13.71 -25.00 -8.35
N ALA B 26 -13.49 -23.80 -7.84
CA ALA B 26 -13.99 -22.63 -8.53
C ALA B 26 -13.25 -22.32 -9.82
N ASN B 27 -12.45 -23.27 -10.34
CA ASN B 27 -11.63 -23.06 -11.54
C ASN B 27 -10.95 -21.69 -11.49
N ALA B 28 -10.25 -21.43 -10.39
CA ALA B 28 -9.51 -20.18 -10.26
C ALA B 28 -8.21 -20.30 -11.04
N LYS B 29 -7.82 -19.21 -11.70
CA LYS B 29 -6.49 -19.15 -12.29
C LYS B 29 -5.42 -19.06 -11.19
N VAL B 30 -5.65 -18.20 -10.18
CA VAL B 30 -4.81 -18.14 -8.99
C VAL B 30 -5.68 -17.89 -7.76
N VAL B 31 -5.15 -18.29 -6.61
CA VAL B 31 -5.70 -17.96 -5.30
C VAL B 31 -4.52 -17.61 -4.41
N PHE B 32 -4.71 -16.65 -3.50
CA PHE B 32 -3.66 -16.42 -2.50
C PHE B 32 -4.26 -15.73 -1.29
N LEU B 33 -3.49 -15.77 -0.19
CA LEU B 33 -3.88 -15.24 1.09
C LEU B 33 -2.81 -14.26 1.55
N VAL B 34 -3.23 -13.07 1.98
CA VAL B 34 -2.30 -11.97 2.30
C VAL B 34 -2.73 -11.31 3.60
N ASP B 35 -1.76 -11.06 4.47
CA ASP B 35 -1.98 -10.24 5.65
C ASP B 35 -2.26 -8.80 5.24
N LYS B 36 -2.96 -8.08 6.12
CA LYS B 36 -3.25 -6.69 5.85
C LYS B 36 -1.98 -5.85 5.71
N ASN B 37 -0.93 -6.20 6.44
CA ASN B 37 0.29 -5.41 6.40
C ASN B 37 1.09 -5.66 5.14
N GLY B 38 0.64 -6.56 4.27
CA GLY B 38 1.30 -6.85 3.01
C GLY B 38 1.93 -8.22 2.91
N GLN B 39 2.05 -8.94 4.03
CA GLN B 39 2.78 -10.20 4.05
C GLN B 39 1.97 -11.34 3.39
N LEU B 40 2.54 -11.92 2.33
CA LEU B 40 1.93 -13.07 1.66
C LEU B 40 2.01 -14.30 2.56
N ILE B 41 0.87 -14.93 2.82
CA ILE B 41 0.82 -16.10 3.69
C ILE B 41 0.73 -17.40 2.89
N SER B 42 -0.10 -17.44 1.86
CA SER B 42 -0.18 -18.64 1.01
C SER B 42 -0.74 -18.28 -0.36
N SER B 43 -0.37 -19.07 -1.35
CA SER B 43 -0.91 -18.96 -2.69
C SER B 43 -1.36 -20.33 -3.18
N ALA B 44 -1.92 -20.35 -4.40
CA ALA B 44 -2.48 -21.57 -4.98
C ALA B 44 -2.84 -21.33 -6.45
N GLY B 45 -2.37 -22.19 -7.34
CA GLY B 45 -2.78 -22.15 -8.73
C GLY B 45 -1.61 -21.98 -9.67
N GLN B 46 -1.87 -21.35 -10.81
CA GLN B 46 -0.85 -21.11 -11.82
C GLN B 46 0.01 -19.90 -11.45
N THR B 47 0.73 -20.04 -10.32
CA THR B 47 1.59 -18.98 -9.83
C THR B 47 2.95 -18.95 -10.53
N GLN B 48 3.23 -19.88 -11.43
CA GLN B 48 4.31 -19.67 -12.37
C GLN B 48 3.99 -18.47 -13.26
N ASN B 49 5.03 -17.76 -13.69
CA ASN B 49 4.91 -16.62 -14.60
C ASN B 49 4.01 -15.52 -14.05
N ILE B 50 3.82 -15.48 -12.74
CA ILE B 50 3.07 -14.41 -12.10
C ILE B 50 3.71 -14.12 -10.76
N ASP B 51 3.76 -12.84 -10.40
CA ASP B 51 4.51 -12.38 -9.24
C ASP B 51 3.55 -12.22 -8.06
N THR B 52 3.42 -13.29 -7.28
CA THR B 52 2.52 -13.28 -6.14
C THR B 52 3.02 -12.39 -5.00
N THR B 53 4.32 -12.07 -4.96
CA THR B 53 4.80 -11.15 -3.92
C THR B 53 4.33 -9.72 -4.22
N SER B 54 4.45 -9.29 -5.48
CA SER B 54 3.89 -8.01 -5.89
C SER B 54 2.37 -7.98 -5.72
N LEU B 55 1.69 -9.06 -6.11
CA LEU B 55 0.24 -9.13 -5.99
C LEU B 55 -0.20 -8.92 -4.55
N ALA B 56 0.45 -9.61 -3.61
CA ALA B 56 0.10 -9.47 -2.20
C ALA B 56 0.29 -8.04 -1.72
N SER B 57 1.29 -7.33 -2.26
CA SER B 57 1.61 -5.99 -1.75
C SER B 57 0.60 -4.96 -2.26
N LEU B 58 0.25 -5.06 -3.54
CA LEU B 58 -0.78 -4.21 -4.10
C LEU B 58 -2.14 -4.50 -3.49
N THR B 59 -2.42 -5.78 -3.22
CA THR B 59 -3.69 -6.16 -2.63
C THR B 59 -3.84 -5.51 -1.28
N ALA B 60 -2.83 -5.65 -0.41
CA ALA B 60 -2.96 -5.09 0.93
C ALA B 60 -2.98 -3.57 0.89
N GLY B 61 -2.30 -2.97 -0.09
CA GLY B 61 -2.40 -1.53 -0.26
C GLY B 61 -3.80 -1.11 -0.69
N ASN B 62 -4.36 -1.81 -1.68
CA ASN B 62 -5.73 -1.54 -2.10
C ASN B 62 -6.69 -1.66 -0.93
N VAL B 63 -6.67 -2.80 -0.23
CA VAL B 63 -7.62 -3.03 0.86
C VAL B 63 -7.46 -1.97 1.95
N ALA B 64 -6.21 -1.59 2.25
CA ALA B 64 -5.98 -0.56 3.27
C ALA B 64 -6.52 0.79 2.83
N ALA B 65 -6.42 1.11 1.54
CA ALA B 65 -6.96 2.39 1.07
C ALA B 65 -8.48 2.38 1.12
N MSE B 66 -9.10 1.27 0.74
CA MSE B 66 -10.55 1.12 0.88
C MSE B 66 -10.95 1.17 2.34
O MSE B 66 -12.00 1.72 2.67
CB MSE B 66 -11.04 -0.17 0.25
CG MSE B 66 -11.13 -0.10 -1.26
SE MSE B 66 -11.96 1.57 -1.91
CE MSE B 66 -13.64 1.46 -0.89
N GLY B 67 -10.10 0.59 3.19
CA GLY B 67 -10.34 0.66 4.62
C GLY B 67 -10.49 2.09 5.11
N GLY B 68 -9.53 2.95 4.75
CA GLY B 68 -9.59 4.34 5.17
C GLY B 68 -10.77 5.10 4.56
N LEU B 69 -11.15 4.75 3.33
CA LEU B 69 -12.28 5.43 2.67
C LEU B 69 -13.60 5.04 3.33
N ALA B 70 -13.82 3.73 3.52
CA ALA B 70 -14.98 3.27 4.29
C ALA B 70 -15.08 4.01 5.61
N LYS B 71 -13.97 4.12 6.35
CA LYS B 71 -13.97 4.86 7.61
C LYS B 71 -14.29 6.34 7.41
N LEU B 72 -13.98 6.89 6.24
CA LEU B 72 -14.17 8.33 6.04
C LEU B 72 -15.64 8.67 5.83
N ILE B 73 -16.39 7.79 5.15
CA ILE B 73 -17.81 8.00 4.90
C ILE B 73 -18.65 7.24 5.95
N GLY B 74 -18.10 7.09 7.16
CA GLY B 74 -18.77 6.40 8.25
C GLY B 74 -19.31 5.02 7.93
N GLU B 75 -18.45 4.10 7.52
CA GLU B 75 -18.82 2.71 7.31
C GLU B 75 -17.77 1.81 7.96
N ASN B 76 -18.03 0.51 7.95
CA ASN B 76 -17.02 -0.46 8.35
C ASN B 76 -16.28 -0.94 7.10
N GLU B 77 -15.16 -1.63 7.31
CA GLU B 77 -14.39 -2.14 6.18
C GLU B 77 -15.30 -2.96 5.27
N PHE B 78 -15.34 -2.59 4.00
CA PHE B 78 -16.16 -3.33 3.06
C PHE B 78 -15.75 -4.79 3.06
N PRO B 79 -16.65 -5.71 3.43
CA PRO B 79 -16.23 -7.11 3.64
C PRO B 79 -15.58 -7.74 2.43
N ASN B 80 -15.87 -7.25 1.23
CA ASN B 80 -15.21 -7.80 0.05
C ASN B 80 -15.20 -6.73 -1.05
N GLN B 81 -14.59 -7.09 -2.17
CA GLN B 81 -14.47 -6.20 -3.31
C GLN B 81 -14.54 -7.07 -4.56
N PHE B 82 -15.15 -6.54 -5.61
CA PHE B 82 -15.24 -7.26 -6.86
C PHE B 82 -14.74 -6.37 -7.97
N HIS B 83 -14.09 -6.98 -8.96
CA HIS B 83 -13.48 -6.26 -10.06
C HIS B 83 -13.57 -7.16 -11.29
N GLU B 84 -14.57 -6.91 -12.13
CA GLU B 84 -14.75 -7.68 -13.35
C GLU B 84 -13.74 -7.26 -14.40
N GLY B 85 -13.23 -8.26 -15.12
CA GLY B 85 -12.42 -8.01 -16.30
C GLY B 85 -12.98 -8.80 -17.46
N ALA B 86 -12.68 -8.32 -18.67
CA ALA B 86 -13.16 -9.00 -19.87
C ALA B 86 -12.57 -10.40 -19.96
N LYS B 87 -11.26 -10.52 -19.79
CA LYS B 87 -10.59 -11.81 -19.79
C LYS B 87 -10.63 -12.43 -18.40
N ASP B 88 -9.80 -11.94 -17.50
CA ASP B 88 -9.73 -12.43 -16.13
C ASP B 88 -10.30 -11.39 -15.17
N SER B 89 -11.06 -11.87 -14.21
CA SER B 89 -11.69 -11.04 -13.20
C SER B 89 -11.12 -11.40 -11.83
N LEU B 90 -11.42 -10.57 -10.84
CA LEU B 90 -10.80 -10.69 -9.54
C LEU B 90 -11.80 -10.37 -8.44
N TYR B 91 -11.87 -11.22 -7.43
CA TYR B 91 -12.68 -10.99 -6.25
C TYR B 91 -11.83 -11.29 -5.02
N MSE B 92 -12.01 -10.48 -3.97
CA MSE B 92 -11.27 -10.63 -2.70
C MSE B 92 -12.21 -10.43 -1.51
O MSE B 92 -13.18 -9.69 -1.63
CB MSE B 92 -10.15 -9.60 -2.61
CG MSE B 92 -9.74 -9.00 -3.94
SE MSE B 92 -8.50 -7.49 -3.76
CE MSE B 92 -9.66 -6.18 -2.97
N THR B 93 -11.90 -11.05 -0.37
CA THR B 93 -12.72 -10.84 0.82
C THR B 93 -11.86 -10.89 2.07
N ILE B 94 -12.22 -10.07 3.05
CA ILE B 94 -11.53 -10.02 4.33
C ILE B 94 -11.95 -11.24 5.16
N VAL B 95 -10.96 -12.02 5.60
CA VAL B 95 -11.17 -13.23 6.39
C VAL B 95 -10.59 -12.99 7.78
N GLY B 96 -11.43 -12.55 8.70
CA GLY B 96 -10.97 -12.28 10.05
C GLY B 96 -10.57 -10.84 10.25
N SER B 97 -9.64 -10.58 11.16
CA SER B 97 -9.24 -9.22 11.45
C SER B 97 -7.93 -8.80 10.79
N ARG B 98 -7.14 -9.71 10.24
CA ARG B 98 -5.89 -9.28 9.62
C ARG B 98 -5.57 -10.00 8.31
N VAL B 99 -6.51 -10.72 7.72
CA VAL B 99 -6.21 -11.55 6.57
C VAL B 99 -7.14 -11.15 5.43
N VAL B 100 -6.72 -11.48 4.21
CA VAL B 100 -7.46 -11.16 3.00
C VAL B 100 -7.29 -12.35 2.05
N LEU B 101 -8.40 -12.92 1.59
CA LEU B 101 -8.32 -13.98 0.59
C LEU B 101 -8.65 -13.41 -0.77
N VAL B 102 -7.89 -13.83 -1.77
CA VAL B 102 -8.00 -13.29 -3.12
C VAL B 102 -8.14 -14.44 -4.09
N VAL B 103 -9.06 -14.29 -5.04
CA VAL B 103 -9.28 -15.24 -6.11
C VAL B 103 -9.40 -14.45 -7.40
N ILE B 104 -8.55 -14.76 -8.38
CA ILE B 104 -8.77 -14.27 -9.74
C ILE B 104 -8.98 -15.49 -10.62
N PHE B 105 -9.89 -15.36 -11.57
CA PHE B 105 -10.38 -16.49 -12.32
C PHE B 105 -10.68 -16.06 -13.74
N ASP B 106 -10.76 -17.06 -14.63
CA ASP B 106 -11.28 -16.82 -15.97
C ASP B 106 -12.76 -16.45 -15.89
N ASN B 107 -13.19 -15.57 -16.80
CA ASN B 107 -14.61 -15.29 -16.84
C ASN B 107 -15.43 -16.44 -17.42
N ARG B 108 -14.77 -17.52 -17.88
CA ARG B 108 -15.40 -18.82 -18.17
C ARG B 108 -15.83 -19.56 -16.88
N THR B 109 -15.82 -18.84 -15.77
CA THR B 109 -16.27 -19.33 -14.46
C THR B 109 -17.17 -18.27 -13.86
N SER B 110 -18.45 -18.60 -13.70
CA SER B 110 -19.44 -17.64 -13.23
C SER B 110 -19.06 -17.08 -11.85
N LEU B 111 -19.43 -15.82 -11.62
CA LEU B 111 -19.21 -15.22 -10.31
C LEU B 111 -19.93 -15.98 -9.21
N GLY B 112 -21.10 -16.56 -9.52
CA GLY B 112 -21.86 -17.26 -8.51
C GLY B 112 -21.11 -18.44 -7.91
N LEU B 113 -20.41 -19.20 -8.76
CA LEU B 113 -19.64 -20.34 -8.29
C LEU B 113 -18.47 -19.92 -7.41
N VAL B 114 -17.87 -18.77 -7.70
CA VAL B 114 -16.72 -18.30 -6.92
C VAL B 114 -17.16 -17.88 -5.52
N ARG B 115 -18.14 -16.97 -5.44
CA ARG B 115 -18.67 -16.56 -4.14
C ARG B 115 -19.30 -17.71 -3.37
N LEU B 116 -19.53 -18.85 -4.02
CA LEU B 116 -19.96 -20.07 -3.34
C LEU B 116 -18.80 -20.72 -2.60
N ARG B 117 -17.78 -21.14 -3.35
CA ARG B 117 -16.61 -21.76 -2.73
C ARG B 117 -15.96 -20.83 -1.71
N ILE B 118 -16.08 -19.51 -1.92
CA ILE B 118 -15.46 -18.55 -1.01
C ILE B 118 -16.23 -18.45 0.31
N LYS B 119 -17.54 -18.70 0.29
CA LYS B 119 -18.30 -18.75 1.55
C LYS B 119 -17.75 -19.85 2.46
N LYS B 120 -17.30 -20.96 1.88
CA LYS B 120 -16.82 -22.10 2.63
C LYS B 120 -15.34 -21.96 3.00
N ALA B 121 -14.50 -21.66 2.01
CA ALA B 121 -13.07 -21.50 2.27
C ALA B 121 -12.81 -20.45 3.34
N SER B 122 -13.48 -19.31 3.26
CA SER B 122 -13.34 -18.31 4.32
C SER B 122 -13.77 -18.87 5.67
N ASP B 123 -14.95 -19.50 5.72
CA ASP B 123 -15.41 -20.11 6.96
C ASP B 123 -14.45 -21.22 7.41
N GLU B 124 -13.87 -21.95 6.46
CA GLU B 124 -12.84 -22.93 6.78
C GLU B 124 -11.59 -22.26 7.36
N LEU B 125 -11.24 -21.07 6.86
CA LEU B 125 -10.01 -20.43 7.30
C LEU B 125 -10.12 -19.94 8.75
N THR B 126 -11.27 -19.39 9.12
CA THR B 126 -11.47 -19.01 10.51
C THR B 126 -11.52 -20.22 11.43
N LYS B 127 -11.86 -21.39 10.90
CA LYS B 127 -11.79 -22.61 11.69
C LYS B 127 -10.34 -23.00 11.98
N ILE B 128 -9.44 -22.78 11.01
CA ILE B 128 -8.03 -23.05 11.25
C ILE B 128 -7.46 -22.04 12.23
N PHE B 129 -7.79 -20.75 12.05
CA PHE B 129 -7.32 -19.73 12.99
C PHE B 129 -7.91 -19.93 14.37
N GLU B 130 -8.97 -20.73 14.49
CA GLU B 130 -9.56 -20.99 15.79
C GLU B 130 -8.70 -21.92 16.63
N SER B 131 -7.94 -22.81 15.99
CA SER B 131 -7.11 -23.78 16.69
C SER B 131 -6.10 -23.11 17.62
N SER B 143 13.07 -22.47 17.83
CA SER B 143 13.32 -21.07 17.53
C SER B 143 14.70 -20.86 16.92
N PRO B 144 14.76 -20.17 15.78
CA PRO B 144 16.07 -19.89 15.16
C PRO B 144 16.92 -18.94 15.99
N PHE B 145 16.30 -18.21 16.92
CA PHE B 145 16.99 -17.15 17.62
C PHE B 145 17.66 -17.60 18.91
N ALA B 146 17.27 -18.75 19.45
CA ALA B 146 17.83 -19.21 20.72
C ALA B 146 19.33 -19.50 20.60
N GLU B 147 19.72 -20.22 19.56
CA GLU B 147 21.13 -20.54 19.34
C GLU B 147 21.82 -19.51 18.45
N MSE B 148 21.19 -18.39 18.20
CA MSE B 148 21.79 -17.38 17.33
C MSE B 148 22.77 -16.49 18.08
O MSE B 148 22.60 -16.23 19.28
CB MSE B 148 20.71 -16.52 16.70
CG MSE B 148 21.24 -15.55 15.69
SE MSE B 148 19.82 -14.56 14.85
CE MSE B 148 18.79 -16.10 14.17
N SER B 149 23.80 -16.03 17.40
CA SER B 149 24.75 -15.10 17.98
C SER B 149 24.95 -13.95 17.00
N ASP B 150 25.61 -12.89 17.48
CA ASP B 150 25.69 -11.69 16.65
C ASP B 150 26.57 -11.86 15.43
N ASP B 151 27.42 -12.90 15.38
CA ASP B 151 28.15 -13.16 14.14
C ASP B 151 27.20 -13.64 13.04
N ASP B 152 26.17 -14.41 13.41
CA ASP B 152 25.16 -14.82 12.43
C ASP B 152 24.51 -13.62 11.76
N ILE B 153 24.27 -12.56 12.54
CA ILE B 153 23.68 -11.33 12.02
C ILE B 153 24.71 -10.55 11.21
N ASP B 154 25.86 -10.22 11.84
CA ASP B 154 26.89 -9.40 11.17
C ASP B 154 27.38 -10.02 9.86
N ASN B 155 27.42 -11.35 9.77
CA ASN B 155 27.84 -12.06 8.57
C ASN B 155 26.74 -12.20 7.52
N LEU B 156 25.71 -11.36 7.54
CA LEU B 156 24.55 -11.69 6.73
C LEU B 156 24.76 -11.36 5.25
N PHE B 157 25.53 -10.32 4.97
CA PHE B 157 25.53 -9.71 3.63
C PHE B 157 26.75 -10.10 2.77
N VAL C 6 -8.89 35.03 -15.49
CA VAL C 6 -8.52 33.69 -15.88
C VAL C 6 -9.72 32.94 -16.47
N MSE C 7 -9.49 32.18 -17.53
CA MSE C 7 -10.52 31.29 -18.06
C MSE C 7 -10.58 30.01 -17.22
O MSE C 7 -11.44 29.15 -17.43
CB MSE C 7 -10.26 30.96 -19.54
N TYR C 8 -9.63 29.91 -16.27
CA TYR C 8 -9.71 28.85 -15.26
C TYR C 8 -10.91 29.07 -14.35
N GLU C 9 -11.22 30.33 -14.01
CA GLU C 9 -12.44 30.62 -13.27
C GLU C 9 -13.67 30.06 -14.00
N GLU C 10 -13.72 30.23 -15.32
CA GLU C 10 -14.84 29.71 -16.10
C GLU C 10 -14.92 28.20 -16.02
N GLU C 11 -13.80 27.51 -16.26
CA GLU C 11 -13.81 26.05 -16.25
C GLU C 11 -14.22 25.49 -14.88
N PHE C 12 -13.72 26.09 -13.80
CA PHE C 12 -13.91 25.52 -12.47
C PHE C 12 -15.34 25.67 -11.95
N THR C 13 -16.07 26.70 -12.39
CA THR C 13 -17.49 26.72 -12.04
C THR C 13 -18.28 25.76 -12.91
N LYS C 14 -17.80 25.52 -14.14
CA LYS C 14 -18.45 24.57 -15.04
C LYS C 14 -18.18 23.14 -14.60
N ILE C 15 -17.05 22.91 -13.94
CA ILE C 15 -16.79 21.60 -13.39
C ILE C 15 -17.70 21.36 -12.20
N ASN C 16 -17.82 22.36 -11.30
CA ASN C 16 -18.75 22.21 -10.20
C ASN C 16 -20.18 21.98 -10.71
N ALA C 17 -20.53 22.60 -11.84
CA ALA C 17 -21.85 22.39 -12.43
C ALA C 17 -22.08 20.92 -12.72
N VAL C 18 -21.18 20.30 -13.50
CA VAL C 18 -21.33 18.88 -13.82
C VAL C 18 -21.48 18.04 -12.55
N CYS C 19 -20.64 18.30 -11.56
CA CYS C 19 -20.74 17.55 -10.31
C CYS C 19 -22.09 17.77 -9.64
N ASP C 20 -22.54 19.03 -9.61
CA ASP C 20 -23.81 19.34 -8.97
C ASP C 20 -24.98 18.70 -9.72
N ARG C 21 -24.97 18.75 -11.06
CA ARG C 21 -26.01 18.06 -11.82
C ARG C 21 -26.01 16.56 -11.52
N LEU C 22 -24.82 15.95 -11.49
CA LEU C 22 -24.73 14.51 -11.22
C LEU C 22 -25.19 14.17 -9.81
N THR C 23 -25.02 15.07 -8.84
CA THR C 23 -25.49 14.76 -7.50
C THR C 23 -27.00 14.74 -7.45
N LYS C 24 -27.66 15.68 -8.13
CA LYS C 24 -29.12 15.72 -8.18
C LYS C 24 -29.68 14.62 -9.06
N ASP C 25 -29.21 14.53 -10.30
CA ASP C 25 -29.80 13.65 -11.31
C ASP C 25 -29.58 12.17 -11.00
N ALA C 26 -28.74 11.84 -10.02
CA ALA C 26 -28.55 10.47 -9.57
C ALA C 26 -28.94 10.29 -8.11
N ASN C 27 -29.47 11.31 -7.46
CA ASN C 27 -29.89 11.24 -6.06
C ASN C 27 -28.78 10.64 -5.20
N ALA C 28 -27.63 11.29 -5.25
CA ALA C 28 -26.47 10.84 -4.51
C ALA C 28 -26.30 11.69 -3.26
N LYS C 29 -25.42 11.23 -2.38
CA LYS C 29 -25.09 12.01 -1.18
C LYS C 29 -24.01 13.04 -1.46
N VAL C 30 -22.94 12.65 -2.16
CA VAL C 30 -21.83 13.56 -2.40
C VAL C 30 -21.05 13.08 -3.61
N VAL C 31 -20.41 14.00 -4.31
CA VAL C 31 -19.65 13.70 -5.51
C VAL C 31 -18.29 14.40 -5.41
N PHE C 32 -17.23 13.64 -5.63
CA PHE C 32 -15.86 14.15 -5.59
C PHE C 32 -15.22 13.92 -6.94
N LEU C 33 -14.48 14.92 -7.38
CA LEU C 33 -13.68 14.81 -8.59
C LEU C 33 -12.20 14.92 -8.18
N VAL C 34 -11.45 13.85 -8.41
CA VAL C 34 -10.12 13.68 -7.83
C VAL C 34 -9.12 13.50 -8.97
N ASP C 35 -8.06 14.29 -8.96
CA ASP C 35 -7.01 13.99 -9.92
C ASP C 35 -6.25 12.73 -9.53
N LYS C 36 -5.67 12.04 -10.52
CA LYS C 36 -4.90 10.85 -10.22
C LYS C 36 -3.66 11.17 -9.39
N ASN C 37 -3.19 12.43 -9.47
CA ASN C 37 -2.25 13.05 -8.52
C ASN C 37 -2.67 12.92 -7.07
N GLY C 38 -3.95 12.72 -6.78
CA GLY C 38 -4.45 12.76 -5.42
C GLY C 38 -4.86 14.11 -4.90
N GLN C 39 -5.06 15.09 -5.77
CA GLN C 39 -5.54 16.40 -5.37
C GLN C 39 -6.99 16.57 -5.78
N LEU C 40 -7.80 17.11 -4.86
CA LEU C 40 -9.22 17.33 -5.11
C LEU C 40 -9.42 18.37 -6.21
N ILE C 41 -10.20 18.02 -7.22
CA ILE C 41 -10.56 19.00 -8.25
C ILE C 41 -11.87 19.70 -7.90
N SER C 42 -12.90 18.92 -7.55
CA SER C 42 -14.22 19.50 -7.28
C SER C 42 -15.01 18.55 -6.37
N SER C 43 -16.03 19.11 -5.72
CA SER C 43 -16.87 18.37 -4.79
C SER C 43 -18.26 19.00 -4.73
N ALA C 44 -19.30 18.20 -4.94
CA ALA C 44 -20.68 18.64 -4.80
C ALA C 44 -21.39 17.79 -3.74
N GLY C 45 -22.32 18.42 -3.02
CA GLY C 45 -23.15 17.68 -2.09
C GLY C 45 -22.81 17.87 -0.63
N GLN C 46 -23.12 16.87 0.19
CA GLN C 46 -22.92 16.95 1.65
C GLN C 46 -21.47 16.62 1.99
N THR C 47 -20.65 17.65 2.13
CA THR C 47 -19.22 17.50 2.36
C THR C 47 -18.79 17.92 3.76
N GLN C 48 -19.73 18.32 4.62
CA GLN C 48 -19.35 19.05 5.83
C GLN C 48 -18.52 18.19 6.78
N ASN C 49 -18.85 16.91 6.90
CA ASN C 49 -18.24 16.03 7.90
C ASN C 49 -17.27 15.01 7.29
N ILE C 50 -16.43 15.44 6.36
CA ILE C 50 -15.57 14.52 5.61
C ILE C 50 -14.24 15.22 5.31
N ASP C 51 -13.12 14.61 5.71
CA ASP C 51 -11.82 15.16 5.34
C ASP C 51 -11.58 14.91 3.86
N THR C 52 -11.52 15.99 3.09
CA THR C 52 -11.45 15.88 1.64
C THR C 52 -10.02 15.73 1.13
N THR C 53 -9.02 16.13 1.91
CA THR C 53 -7.63 15.84 1.57
C THR C 53 -7.32 14.35 1.71
N SER C 54 -7.68 13.76 2.85
CA SER C 54 -7.55 12.32 3.02
C SER C 54 -8.32 11.55 1.96
N LEU C 55 -9.54 12.00 1.64
CA LEU C 55 -10.31 11.25 0.67
C LEU C 55 -9.65 11.30 -0.71
N ALA C 56 -9.16 12.47 -1.11
CA ALA C 56 -8.47 12.56 -2.38
C ALA C 56 -7.23 11.69 -2.38
N SER C 57 -6.49 11.68 -1.28
CA SER C 57 -5.25 10.92 -1.20
C SER C 57 -5.52 9.40 -1.22
N LEU C 58 -6.49 8.93 -0.43
CA LEU C 58 -6.81 7.50 -0.44
C LEU C 58 -7.41 7.05 -1.78
N THR C 59 -8.10 7.94 -2.46
CA THR C 59 -8.72 7.61 -3.73
C THR C 59 -7.66 7.42 -4.80
N ALA C 60 -6.74 8.38 -4.91
CA ALA C 60 -5.62 8.22 -5.83
C ALA C 60 -4.79 6.99 -5.49
N GLY C 61 -4.57 6.74 -4.20
CA GLY C 61 -3.81 5.55 -3.83
C GLY C 61 -4.53 4.27 -4.21
N ASN C 62 -5.84 4.24 -4.03
CA ASN C 62 -6.57 3.02 -4.36
C ASN C 62 -6.52 2.73 -5.86
N VAL C 63 -6.72 3.76 -6.66
CA VAL C 63 -6.69 3.62 -8.11
C VAL C 63 -5.30 3.19 -8.60
N ALA C 64 -4.25 3.80 -8.02
CA ALA C 64 -2.88 3.41 -8.38
C ALA C 64 -2.63 1.95 -8.05
N ALA C 65 -3.04 1.52 -6.85
CA ALA C 65 -2.82 0.12 -6.46
C ALA C 65 -3.59 -0.84 -7.36
N MSE C 66 -4.86 -0.54 -7.61
CA MSE C 66 -5.67 -1.35 -8.52
C MSE C 66 -5.08 -1.42 -9.91
O MSE C 66 -5.07 -2.49 -10.54
CB MSE C 66 -7.09 -0.80 -8.58
CG MSE C 66 -7.94 -1.29 -7.42
SE MSE C 66 -8.11 -3.25 -7.46
CE MSE C 66 -8.63 -3.50 -9.32
N GLY C 67 -4.57 -0.29 -10.38
CA GLY C 67 -3.91 -0.25 -11.67
C GLY C 67 -2.68 -1.14 -11.75
N GLY C 68 -1.73 -0.94 -10.83
CA GLY C 68 -0.56 -1.80 -10.80
C GLY C 68 -0.94 -3.27 -10.72
N LEU C 69 -2.07 -3.58 -10.08
CA LEU C 69 -2.50 -4.97 -9.96
C LEU C 69 -3.03 -5.49 -11.29
N ALA C 70 -3.94 -4.72 -11.90
CA ALA C 70 -4.45 -5.07 -13.22
C ALA C 70 -3.31 -5.30 -14.19
N LYS C 71 -2.30 -4.43 -14.18
CA LYS C 71 -1.17 -4.56 -15.09
C LYS C 71 -0.39 -5.85 -14.86
N LEU C 72 -0.55 -6.47 -13.69
CA LEU C 72 0.20 -7.69 -13.43
C LEU C 72 -0.49 -8.92 -14.02
N ILE C 73 -1.82 -8.95 -13.98
CA ILE C 73 -2.55 -10.14 -14.35
C ILE C 73 -3.18 -9.96 -15.73
N GLY C 74 -2.46 -9.32 -16.64
CA GLY C 74 -2.84 -9.27 -18.04
C GLY C 74 -4.21 -8.70 -18.32
N GLU C 75 -4.56 -7.60 -17.67
CA GLU C 75 -5.81 -6.89 -17.89
C GLU C 75 -5.54 -5.40 -17.84
N ASN C 76 -6.22 -4.63 -18.68
CA ASN C 76 -6.06 -3.19 -18.60
C ASN C 76 -6.62 -2.67 -17.29
N GLU C 77 -6.17 -1.48 -16.90
CA GLU C 77 -6.62 -0.82 -15.68
C GLU C 77 -8.12 -0.99 -15.49
N PHE C 78 -8.51 -1.57 -14.37
CA PHE C 78 -9.91 -1.88 -14.13
C PHE C 78 -10.71 -0.58 -14.07
N PRO C 79 -11.73 -0.40 -14.93
CA PRO C 79 -12.31 0.94 -15.09
C PRO C 79 -13.06 1.42 -13.86
N ASN C 80 -13.93 0.58 -13.30
CA ASN C 80 -14.80 0.99 -12.21
C ASN C 80 -14.55 0.13 -10.99
N GLN C 81 -14.90 0.68 -9.84
CA GLN C 81 -14.90 -0.02 -8.58
C GLN C 81 -16.23 0.27 -7.90
N PHE C 82 -16.89 -0.78 -7.45
CA PHE C 82 -18.11 -0.65 -6.68
C PHE C 82 -17.91 -1.32 -5.34
N HIS C 83 -18.01 -0.53 -4.28
CA HIS C 83 -17.79 -1.03 -2.94
C HIS C 83 -19.04 -0.72 -2.14
N GLU C 84 -19.96 -1.68 -2.14
CA GLU C 84 -21.20 -1.54 -1.41
C GLU C 84 -20.94 -1.62 0.09
N GLY C 85 -21.53 -0.68 0.84
CA GLY C 85 -21.49 -0.70 2.28
C GLY C 85 -22.85 -0.98 2.88
N ALA C 86 -22.98 -0.66 4.17
CA ALA C 86 -24.23 -0.91 4.89
C ALA C 86 -25.25 0.19 4.58
N LYS C 87 -25.15 1.31 5.28
CA LYS C 87 -26.07 2.42 5.05
C LYS C 87 -25.69 3.26 3.84
N ASP C 88 -24.55 2.99 3.21
CA ASP C 88 -24.09 3.82 2.12
C ASP C 88 -23.27 2.99 1.14
N SER C 89 -23.06 3.56 -0.04
CA SER C 89 -22.33 2.87 -1.08
C SER C 89 -21.36 3.85 -1.71
N LEU C 90 -20.40 3.30 -2.42
CA LEU C 90 -19.33 4.08 -3.02
C LEU C 90 -19.06 3.53 -4.41
N TYR C 91 -19.12 4.41 -5.42
CA TYR C 91 -18.80 4.01 -6.78
C TYR C 91 -17.71 4.93 -7.33
N MSE C 92 -16.81 4.36 -8.11
CA MSE C 92 -15.67 5.12 -8.66
C MSE C 92 -15.48 4.81 -10.12
O MSE C 92 -15.59 3.66 -10.53
CB MSE C 92 -14.37 4.77 -7.95
CG MSE C 92 -14.30 5.07 -6.47
SE MSE C 92 -12.42 4.80 -5.88
CE MSE C 92 -12.78 4.31 -4.03
N THR C 93 -15.18 5.82 -10.91
CA THR C 93 -14.93 5.59 -12.32
C THR C 93 -13.80 6.51 -12.75
N ILE C 94 -12.99 6.00 -13.68
CA ILE C 94 -11.94 6.79 -14.29
C ILE C 94 -12.55 7.53 -15.48
N VAL C 95 -12.51 8.85 -15.44
CA VAL C 95 -13.00 9.68 -16.53
C VAL C 95 -11.80 10.00 -17.42
N GLY C 96 -11.76 9.39 -18.59
CA GLY C 96 -10.66 9.63 -19.51
C GLY C 96 -9.36 9.08 -18.96
N SER C 97 -8.36 9.95 -18.86
CA SER C 97 -7.01 9.51 -18.50
C SER C 97 -6.63 9.84 -17.06
N ARG C 98 -6.92 11.05 -16.60
CA ARG C 98 -6.28 11.60 -15.42
C ARG C 98 -7.20 11.78 -14.22
N VAL C 99 -8.51 11.65 -14.37
CA VAL C 99 -9.44 12.08 -13.32
C VAL C 99 -10.26 10.89 -12.83
N VAL C 100 -10.53 10.87 -11.53
CA VAL C 100 -11.38 9.88 -10.90
C VAL C 100 -12.62 10.56 -10.35
N LEU C 101 -13.78 10.03 -10.71
CA LEU C 101 -15.08 10.49 -10.24
C LEU C 101 -15.55 9.59 -9.10
N VAL C 102 -15.86 10.19 -7.95
CA VAL C 102 -16.27 9.41 -6.78
C VAL C 102 -17.69 9.83 -6.38
N VAL C 103 -18.62 8.86 -6.42
CA VAL C 103 -20.02 9.05 -6.06
C VAL C 103 -20.32 8.21 -4.83
N ILE C 104 -20.59 8.86 -3.70
CA ILE C 104 -21.10 8.21 -2.51
C ILE C 104 -22.62 8.38 -2.48
N PHE C 105 -23.36 7.26 -2.36
CA PHE C 105 -24.82 7.30 -2.35
C PHE C 105 -25.38 6.31 -1.35
N ASP C 106 -26.44 6.72 -0.62
CA ASP C 106 -27.09 5.79 0.28
C ASP C 106 -27.87 4.74 -0.50
N ASN C 107 -28.17 3.63 0.18
CA ASN C 107 -28.72 2.41 -0.39
C ASN C 107 -30.18 2.54 -0.83
N ARG C 108 -30.84 3.67 -0.58
CA ARG C 108 -32.12 3.94 -1.23
C ARG C 108 -31.94 4.34 -2.70
N THR C 109 -30.72 4.34 -3.20
CA THR C 109 -30.42 4.66 -4.58
C THR C 109 -29.74 3.47 -5.25
N SER C 110 -30.10 3.21 -6.49
CA SER C 110 -29.61 2.05 -7.21
C SER C 110 -28.30 2.38 -7.91
N LEU C 111 -27.38 1.41 -7.91
CA LEU C 111 -26.13 1.56 -8.65
C LEU C 111 -26.38 1.77 -10.14
N GLY C 112 -27.47 1.20 -10.68
CA GLY C 112 -27.73 1.33 -12.10
C GLY C 112 -28.08 2.74 -12.53
N LEU C 113 -28.64 3.56 -11.63
CA LEU C 113 -28.93 4.95 -11.97
C LEU C 113 -27.68 5.82 -11.88
N VAL C 114 -26.87 5.60 -10.84
CA VAL C 114 -25.59 6.29 -10.71
C VAL C 114 -24.75 6.09 -11.96
N ARG C 115 -24.66 4.85 -12.43
CA ARG C 115 -23.84 4.58 -13.61
C ARG C 115 -24.44 5.22 -14.86
N LEU C 116 -25.77 5.17 -15.00
CA LEU C 116 -26.39 5.85 -16.12
C LEU C 116 -26.05 7.33 -16.10
N ARG C 117 -26.18 7.98 -14.94
CA ARG C 117 -25.89 9.41 -14.87
C ARG C 117 -24.39 9.70 -14.95
N ILE C 118 -23.55 8.76 -14.51
CA ILE C 118 -22.11 8.97 -14.57
C ILE C 118 -21.60 8.97 -16.00
N LYS C 119 -22.31 8.28 -16.90
CA LYS C 119 -21.96 8.33 -18.32
C LYS C 119 -21.94 9.76 -18.85
N LYS C 120 -23.05 10.49 -18.70
CA LYS C 120 -23.12 11.83 -19.30
C LYS C 120 -22.23 12.83 -18.56
N ALA C 121 -22.10 12.71 -17.24
CA ALA C 121 -21.18 13.59 -16.54
C ALA C 121 -19.77 13.44 -17.10
N SER C 122 -19.34 12.19 -17.33
CA SER C 122 -18.04 11.92 -17.92
C SER C 122 -17.84 12.70 -19.22
N ASP C 123 -18.80 12.58 -20.15
CA ASP C 123 -18.67 13.29 -21.43
C ASP C 123 -18.73 14.79 -21.25
N GLU C 124 -19.60 15.27 -20.35
CA GLU C 124 -19.60 16.69 -20.04
C GLU C 124 -18.26 17.14 -19.47
N LEU C 125 -17.55 16.24 -18.78
CA LEU C 125 -16.24 16.56 -18.23
C LEU C 125 -15.15 16.38 -19.27
N THR C 126 -15.23 15.31 -20.08
CA THR C 126 -14.23 15.09 -21.12
C THR C 126 -14.24 16.23 -22.13
N LYS C 127 -15.40 16.90 -22.33
CA LYS C 127 -15.47 18.02 -23.26
C LYS C 127 -15.19 19.38 -22.59
N ILE C 128 -15.46 19.53 -21.30
CA ILE C 128 -14.94 20.70 -20.59
C ILE C 128 -13.42 20.72 -20.65
N PHE C 129 -12.80 19.54 -20.50
CA PHE C 129 -11.34 19.47 -20.56
C PHE C 129 -10.82 19.83 -21.94
N GLU C 130 -11.58 19.55 -23.00
CA GLU C 130 -11.17 19.91 -24.35
C GLU C 130 -11.69 21.28 -24.77
PG GSP D . 8.58 11.72 -2.80
O3B GSP D . 10.18 11.89 -2.98
S1G GSP D . 7.84 13.13 -3.54
O2G GSP D . 8.29 11.74 -1.33
O3G GSP D . 8.08 10.41 -3.42
PB GSP D . 11.39 10.90 -2.65
O1B GSP D . 11.13 9.50 -3.03
O2B GSP D . 11.97 10.98 -1.30
PA GSP D . 13.15 10.92 -4.86
O1A GSP D . 13.75 9.66 -4.41
O2A GSP D . 12.13 10.73 -5.92
O3A GSP D . 12.47 11.64 -3.58
O5' GSP D . 14.25 12.02 -5.27
C5' GSP D . 13.82 13.35 -5.54
C4' GSP D . 14.81 14.09 -6.44
O4' GSP D . 15.99 14.33 -5.71
C3' GSP D . 15.22 13.24 -7.64
O3' GSP D . 15.47 14.12 -8.72
C2' GSP D . 16.53 12.61 -7.20
O2' GSP D . 17.40 12.29 -8.27
C1' GSP D . 17.10 13.73 -6.35
N9 GSP D . 18.03 13.22 -5.34
C8 GSP D . 17.80 12.17 -4.48
N7 GSP D . 18.90 12.03 -3.70
C5 GSP D . 19.82 12.97 -4.05
C6 GSP D . 21.09 13.24 -3.58
O6 GSP D . 21.57 12.58 -2.68
N1 GSP D . 21.84 14.26 -4.13
C2 GSP D . 21.28 15.02 -5.14
N2 GSP D . 22.01 16.01 -5.67
N3 GSP D . 20.02 14.73 -5.63
C4 GSP D . 19.29 13.72 -5.08
MG MG E . 9.28 8.71 -3.85
S SO4 F . 6.29 19.09 0.73
O1 SO4 F . 4.97 18.79 1.26
O2 SO4 F . 7.06 17.85 0.60
O3 SO4 F . 7.04 20.03 1.60
O4 SO4 F . 6.13 19.67 -0.61
S SO4 G . 5.18 18.46 -9.32
O1 SO4 G . 6.10 17.44 -8.87
O2 SO4 G . 3.82 17.91 -9.37
O3 SO4 G . 5.21 19.60 -8.38
O4 SO4 G . 5.61 18.89 -10.65
S SO4 H . 0.50 -6.70 12.92
O1 SO4 H . 1.74 -7.22 12.36
O2 SO4 H . -0.44 -7.82 12.98
O3 SO4 H . -0.01 -5.63 12.09
O4 SO4 H . 0.81 -6.18 14.26
#